data_4KTU
#
_entry.id   4KTU
#
_cell.length_a   71.230
_cell.length_b   71.230
_cell.length_c   72.770
_cell.angle_alpha   90.00
_cell.angle_beta   90.00
_cell.angle_gamma   120.00
#
_symmetry.space_group_name_H-M   'P 32 2 1'
#
loop_
_entity.id
_entity.type
_entity.pdbx_description
1 polymer 'Cationic trypsin'
2 polymer 'microviridin j'
3 non-polymer 'CALCIUM ION'
4 water water
#
loop_
_entity_poly.entity_id
_entity_poly.type
_entity_poly.pdbx_seq_one_letter_code
_entity_poly.pdbx_strand_id
1 'polypeptide(L)'
;IVGGYTCGANTVPYQVSLNSGYHFCGGSLINSQWVVSAAHCYKSGIQVRLGEDNINVVEGNEQFISASKSIVHPSYNSNT
LNNDIMLIKLKSAASLNSRVASISLPTSCASAGTQCLISGWGNTKSSGTSYPDVLKCLKAPILSDSSCKSAYPGQITSNM
FCAGYLEGGKDSCQGDSGGPVVCSGKLQGIVSWGSGCAQKNKPGVYTKVCNYVSWIKQTIASN
;
A
2 'polypeptide(L)' (ACE)ISTRKYPSDWEEW B
#
loop_
_chem_comp.id
_chem_comp.type
_chem_comp.name
_chem_comp.formula
ACE non-polymer 'ACETYL GROUP' 'C2 H4 O'
CA non-polymer 'CALCIUM ION' 'Ca 2'
#
# COMPACT_ATOMS: atom_id res chain seq x y z
N ILE A 1 7.48 -7.70 0.25
CA ILE A 1 6.87 -8.60 -0.78
C ILE A 1 7.61 -9.93 -0.72
N VAL A 2 6.91 -11.01 -0.48
CA VAL A 2 7.42 -12.35 -0.49
C VAL A 2 7.06 -13.03 -1.84
N GLY A 3 8.00 -13.69 -2.47
CA GLY A 3 7.70 -14.44 -3.67
C GLY A 3 7.56 -13.58 -4.88
N GLY A 4 8.03 -12.33 -4.85
CA GLY A 4 7.94 -11.38 -5.95
C GLY A 4 9.26 -11.31 -6.68
N TYR A 5 9.53 -10.17 -7.30
CA TYR A 5 10.66 -9.98 -8.14
C TYR A 5 11.07 -8.49 -8.03
N THR A 6 12.33 -8.22 -8.40
CA THR A 6 12.81 -6.90 -8.52
C THR A 6 12.13 -6.12 -9.62
N CYS A 7 11.40 -5.07 -9.28
CA CYS A 7 10.60 -4.35 -10.28
C CYS A 7 11.46 -3.81 -11.40
N GLY A 8 12.60 -3.23 -11.07
CA GLY A 8 13.36 -2.38 -11.95
C GLY A 8 13.18 -0.94 -11.59
N ALA A 9 14.28 -0.20 -11.61
CA ALA A 9 14.27 1.17 -11.08
C ALA A 9 13.22 2.04 -11.78
N ASN A 10 12.36 2.65 -10.97
CA ASN A 10 11.37 3.66 -11.39
C ASN A 10 10.35 3.12 -12.37
N THR A 11 10.14 1.80 -12.36
CA THR A 11 9.09 1.20 -13.19
C THR A 11 7.70 1.29 -12.57
N VAL A 12 7.63 1.69 -11.29
CA VAL A 12 6.38 1.88 -10.57
C VAL A 12 6.39 3.30 -10.05
N PRO A 13 6.17 4.29 -10.95
CA PRO A 13 6.54 5.69 -10.60
C PRO A 13 5.58 6.39 -9.64
N TYR A 14 4.48 5.73 -9.32
CA TYR A 14 3.49 6.21 -8.36
C TYR A 14 3.80 5.67 -6.90
N GLN A 15 4.74 4.72 -6.81
CA GLN A 15 5.10 4.19 -5.51
C GLN A 15 5.93 5.21 -4.73
N VAL A 16 5.44 5.51 -3.51
CA VAL A 16 6.25 6.31 -2.61
C VAL A 16 6.60 5.50 -1.35
N SER A 17 7.63 6.02 -0.64
CA SER A 17 8.05 5.52 0.67
C SER A 17 7.74 6.59 1.70
N LEU A 18 7.13 6.18 2.82
CA LEU A 18 6.88 7.08 3.94
C LEU A 18 8.02 6.83 4.95
N ASN A 19 8.67 7.93 5.28
CA ASN A 19 9.95 7.89 6.02
C ASN A 19 9.91 8.73 7.29
N SER A 20 10.35 8.07 8.41
CA SER A 20 10.46 8.77 9.72
C SER A 20 11.86 8.51 10.25
N GLY A 21 12.86 8.74 9.44
CA GLY A 21 14.22 8.30 9.73
C GLY A 21 14.54 6.88 9.35
N TYR A 22 13.52 6.23 8.72
CA TYR A 22 13.55 4.89 8.22
C TYR A 22 12.22 4.74 7.43
N HIS A 23 12.30 3.84 6.44
CA HIS A 23 11.05 3.46 5.71
C HIS A 23 10.16 2.68 6.64
N PHE A 24 8.88 3.11 6.76
CA PHE A 24 7.93 2.35 7.49
C PHE A 24 6.65 1.88 6.77
N CYS A 25 6.28 2.56 5.69
CA CYS A 25 5.08 2.21 4.94
C CYS A 25 5.33 2.70 3.52
N GLY A 26 4.53 2.14 2.60
CA GLY A 26 4.41 2.69 1.25
C GLY A 26 3.23 3.60 1.13
N GLY A 27 3.04 4.08 -0.14
CA GLY A 27 1.92 4.93 -0.47
C GLY A 27 1.93 5.06 -2.01
N SER A 28 0.83 5.67 -2.48
CA SER A 28 0.61 5.87 -3.94
C SER A 28 0.34 7.37 -4.23
N LEU A 29 1.09 7.92 -5.17
CA LEU A 29 0.88 9.30 -5.60
C LEU A 29 -0.37 9.37 -6.48
N ILE A 30 -1.37 10.19 -6.10
CA ILE A 30 -2.61 10.29 -6.91
C ILE A 30 -2.73 11.62 -7.63
N ASN A 31 -1.98 12.65 -7.23
CA ASN A 31 -1.79 13.87 -8.02
C ASN A 31 -0.52 14.48 -7.47
N SER A 32 -0.16 15.66 -7.96
CA SER A 32 1.15 16.25 -7.61
C SER A 32 1.27 16.61 -6.11
N GLN A 33 0.14 16.72 -5.42
CA GLN A 33 0.15 17.14 -4.01
C GLN A 33 -0.40 16.12 -2.99
N TRP A 34 -0.87 14.97 -3.46
CA TRP A 34 -1.56 14.03 -2.59
C TRP A 34 -1.14 12.58 -2.81
N VAL A 35 -1.03 11.89 -1.70
CA VAL A 35 -0.69 10.46 -1.59
C VAL A 35 -1.77 9.74 -0.83
N VAL A 36 -2.09 8.52 -1.29
CA VAL A 36 -2.99 7.60 -0.58
C VAL A 36 -2.14 6.54 0.11
N SER A 37 -2.45 6.31 1.39
CA SER A 37 -1.79 5.23 2.13
C SER A 37 -2.80 4.62 3.07
N ALA A 38 -2.32 3.80 4.01
CA ALA A 38 -3.17 3.16 5.01
C ALA A 38 -3.32 4.04 6.26
N ALA A 39 -4.49 4.10 6.87
CA ALA A 39 -4.65 4.83 8.14
C ALA A 39 -3.73 4.34 9.22
N HIS A 40 -3.42 3.04 9.28
CA HIS A 40 -2.57 2.57 10.37
C HIS A 40 -1.14 2.96 10.18
N CYS A 41 -0.78 3.58 9.05
CA CYS A 41 0.49 4.21 8.83
C CYS A 41 0.62 5.67 9.32
N TYR A 42 -0.45 6.20 9.91
CA TYR A 42 -0.41 7.57 10.34
C TYR A 42 0.69 7.77 11.35
N LYS A 43 1.42 8.87 11.16
CA LYS A 43 2.29 9.41 12.18
C LYS A 43 2.57 10.89 11.80
N SER A 44 2.82 11.72 12.79
CA SER A 44 3.26 13.09 12.54
C SER A 44 4.73 13.12 12.03
N GLY A 45 5.08 14.20 11.31
CA GLY A 45 6.50 14.45 10.88
C GLY A 45 7.00 13.56 9.71
N ILE A 46 6.08 12.99 8.96
CA ILE A 46 6.39 12.00 7.86
C ILE A 46 7.13 12.81 6.76
N GLN A 47 8.17 12.22 6.16
CA GLN A 47 8.72 12.67 4.94
C GLN A 47 8.33 11.66 3.85
N VAL A 48 7.75 12.17 2.78
CA VAL A 48 7.39 11.37 1.60
C VAL A 48 8.57 11.32 0.65
N ARG A 49 8.96 10.13 0.23
CA ARG A 49 10.11 9.95 -0.61
C ARG A 49 9.59 9.34 -1.95
N LEU A 50 9.69 10.15 -3.00
CA LEU A 50 9.21 9.87 -4.36
C LEU A 50 10.39 9.63 -5.25
N GLY A 51 10.18 8.82 -6.37
CA GLY A 51 11.32 8.51 -7.20
C GLY A 51 12.35 7.55 -6.71
N GLU A 52 12.00 6.80 -5.67
CA GLU A 52 12.92 5.87 -5.11
C GLU A 52 13.01 4.56 -5.82
N ASP A 53 14.19 3.98 -5.87
CA ASP A 53 14.36 2.54 -6.07
C ASP A 53 15.12 1.93 -4.88
N ASN A 54 16.44 2.15 -4.80
CA ASN A 54 17.19 1.75 -3.64
C ASN A 54 16.94 2.80 -2.52
N ILE A 55 16.22 2.38 -1.48
CA ILE A 55 15.83 3.34 -0.40
C ILE A 55 16.99 3.72 0.54
N ASN A 56 18.13 3.04 0.41
CA ASN A 56 19.34 3.30 1.24
C ASN A 56 20.43 4.04 0.56
N VAL A 57 20.28 4.34 -0.72
CA VAL A 57 21.35 5.02 -1.52
C VAL A 57 20.69 6.14 -2.30
N VAL A 58 21.33 7.27 -2.36
CA VAL A 58 20.90 8.36 -3.26
C VAL A 58 21.33 8.05 -4.72
N GLU A 59 20.33 7.84 -5.56
CA GLU A 59 20.51 7.47 -6.94
C GLU A 59 20.30 8.57 -7.94
N GLY A 60 19.70 9.69 -7.52
CA GLY A 60 19.55 10.84 -8.33
C GLY A 60 18.18 11.25 -8.81
N ASN A 61 17.19 10.39 -8.68
CA ASN A 61 15.85 10.74 -9.09
C ASN A 61 14.83 10.99 -7.96
N GLU A 62 15.33 11.00 -6.73
CA GLU A 62 14.47 11.16 -5.61
C GLU A 62 13.95 12.60 -5.45
N GLN A 63 12.71 12.75 -4.94
CA GLN A 63 12.20 13.97 -4.34
C GLN A 63 11.80 13.58 -2.91
N PHE A 64 12.31 14.31 -1.93
CA PHE A 64 11.91 14.17 -0.52
C PHE A 64 11.08 15.39 -0.11
N ILE A 65 9.78 15.21 0.22
CA ILE A 65 8.88 16.24 0.57
C ILE A 65 8.11 15.98 1.83
N SER A 66 8.11 16.92 2.79
CA SER A 66 7.41 16.69 4.02
C SER A 66 5.90 16.64 3.80
N ALA A 67 5.26 15.80 4.60
CA ALA A 67 3.82 15.85 4.71
C ALA A 67 3.34 17.08 5.46
N SER A 68 2.41 17.84 4.88
CA SER A 68 1.81 18.98 5.56
C SER A 68 0.50 18.64 6.21
N LYS A 69 -0.23 17.66 5.69
CA LYS A 69 -1.49 17.28 6.24
C LYS A 69 -1.61 15.74 6.13
N SER A 70 -2.23 15.12 7.12
CA SER A 70 -2.58 13.68 7.10
C SER A 70 -4.02 13.56 7.51
N ILE A 71 -4.80 12.92 6.68
CA ILE A 71 -6.25 12.82 6.88
C ILE A 71 -6.67 11.33 6.84
N VAL A 72 -6.87 10.78 8.00
CA VAL A 72 -7.34 9.40 8.18
C VAL A 72 -8.85 9.35 7.92
N HIS A 73 -9.36 8.24 7.38
CA HIS A 73 -10.79 8.16 7.20
C HIS A 73 -11.52 8.40 8.52
N PRO A 74 -12.59 9.19 8.52
CA PRO A 74 -13.33 9.49 9.76
C PRO A 74 -13.84 8.28 10.55
N SER A 75 -14.06 7.16 9.82
CA SER A 75 -14.58 5.93 10.39
C SER A 75 -13.56 4.79 10.48
N TYR A 76 -12.28 5.12 10.38
CA TYR A 76 -11.21 4.18 10.63
C TYR A 76 -11.39 3.57 12.00
N ASN A 77 -11.16 2.26 12.10
CA ASN A 77 -11.19 1.59 13.36
C ASN A 77 -9.89 0.78 13.46
N SER A 78 -9.06 1.10 14.43
CA SER A 78 -7.75 0.49 14.57
C SER A 78 -7.79 -0.97 15.10
N ASN A 79 -8.97 -1.42 15.56
CA ASN A 79 -9.17 -2.77 16.07
C ASN A 79 -9.56 -3.70 14.91
N THR A 80 -10.59 -3.31 14.17
CA THR A 80 -11.11 -4.11 13.05
C THR A 80 -10.37 -3.85 11.73
N LEU A 81 -9.67 -2.73 11.65
CA LEU A 81 -9.02 -2.29 10.45
C LEU A 81 -9.99 -1.83 9.34
N ASN A 82 -11.26 -1.68 9.71
CA ASN A 82 -12.19 -1.15 8.75
C ASN A 82 -11.84 0.30 8.38
N ASN A 83 -12.04 0.66 7.13
CA ASN A 83 -11.75 1.99 6.60
C ASN A 83 -10.29 2.36 6.78
N ASP A 84 -9.40 1.44 6.41
CA ASP A 84 -7.95 1.63 6.54
C ASP A 84 -7.39 2.39 5.32
N ILE A 85 -7.66 3.70 5.35
CA ILE A 85 -7.21 4.60 4.29
C ILE A 85 -6.88 5.97 4.89
N MET A 86 -5.85 6.57 4.32
CA MET A 86 -5.39 7.91 4.70
C MET A 86 -4.94 8.64 3.47
N LEU A 87 -5.16 9.97 3.52
CA LEU A 87 -4.63 10.87 2.49
C LEU A 87 -3.57 11.78 3.08
N ILE A 88 -2.42 11.87 2.43
CA ILE A 88 -1.33 12.74 2.87
C ILE A 88 -1.21 13.87 1.82
N LYS A 89 -1.17 15.13 2.29
CA LYS A 89 -0.90 16.24 1.43
C LYS A 89 0.56 16.60 1.59
N LEU A 90 1.21 16.82 0.47
CA LEU A 90 2.59 17.24 0.39
C LEU A 90 2.75 18.75 0.63
N LYS A 91 3.80 19.15 1.35
CA LYS A 91 4.01 20.56 1.65
C LYS A 91 4.19 21.38 0.43
N SER A 92 4.85 20.82 -0.57
CA SER A 92 4.95 21.40 -1.86
C SER A 92 4.62 20.37 -2.90
N ALA A 93 4.16 20.78 -4.05
CA ALA A 93 3.84 19.86 -5.13
C ALA A 93 5.07 19.12 -5.65
N ALA A 94 4.94 17.82 -5.89
CA ALA A 94 5.99 17.08 -6.53
C ALA A 94 6.16 17.53 -7.97
N SER A 95 7.37 17.43 -8.48
CA SER A 95 7.67 17.67 -9.90
C SER A 95 7.42 16.37 -10.61
N LEU A 96 6.35 16.33 -11.42
CA LEU A 96 5.98 15.12 -12.10
C LEU A 96 6.87 14.93 -13.29
N ASN A 97 7.28 13.69 -13.49
CA ASN A 97 8.20 13.30 -14.55
C ASN A 97 8.10 11.81 -14.81
N SER A 98 9.01 11.26 -15.61
CA SER A 98 8.86 9.82 -15.95
C SER A 98 9.04 8.91 -14.73
N ARG A 99 9.71 9.41 -13.70
CA ARG A 99 9.96 8.60 -12.50
C ARG A 99 9.07 8.94 -11.31
N VAL A 100 8.25 9.96 -11.46
CA VAL A 100 7.36 10.46 -10.38
C VAL A 100 6.06 10.78 -11.08
N ALA A 101 5.11 9.88 -10.93
CA ALA A 101 3.88 9.97 -11.72
C ALA A 101 2.70 9.51 -10.89
N SER A 102 1.52 10.07 -11.15
CA SER A 102 0.30 9.70 -10.49
C SER A 102 -0.31 8.39 -11.01
N ILE A 103 -1.01 7.68 -10.14
CA ILE A 103 -1.91 6.56 -10.50
C ILE A 103 -3.34 7.00 -10.44
N SER A 104 -4.11 6.59 -11.47
CA SER A 104 -5.49 6.93 -11.54
C SER A 104 -6.34 6.14 -10.50
N LEU A 105 -7.38 6.80 -9.97
CA LEU A 105 -8.37 6.17 -9.15
C LEU A 105 -9.31 5.35 -10.01
N PRO A 106 -9.96 4.37 -9.41
CA PRO A 106 -10.94 3.56 -10.14
C PRO A 106 -12.22 4.27 -10.47
N THR A 107 -12.85 3.86 -11.56
CA THR A 107 -14.21 4.30 -11.92
C THR A 107 -15.28 3.27 -11.53
N SER A 108 -14.76 1.86 -11.35
CA SER A 108 -15.63 0.86 -10.80
C SER A 108 -14.76 -0.07 -9.97
N CYS A 109 -15.39 -0.91 -9.21
CA CYS A 109 -14.67 -1.89 -8.41
C CYS A 109 -14.13 -3.00 -9.32
N ALA A 110 -13.00 -3.60 -8.93
CA ALA A 110 -12.43 -4.68 -9.73
C ALA A 110 -13.14 -5.99 -9.33
N SER A 111 -12.93 -7.00 -10.18
CA SER A 111 -13.49 -8.35 -10.02
C SER A 111 -12.44 -9.31 -9.53
N ALA A 112 -13.09 -10.43 -8.83
CA ALA A 112 -12.26 -11.56 -8.53
C ALA A 112 -11.58 -12.12 -9.79
N GLY A 113 -10.36 -12.59 -9.64
CA GLY A 113 -9.56 -13.17 -10.73
C GLY A 113 -8.76 -12.22 -11.59
N THR A 114 -8.96 -10.92 -11.38
CA THR A 114 -8.18 -9.89 -12.05
C THR A 114 -6.79 -9.88 -11.41
N GLN A 115 -5.76 -9.95 -12.22
CA GLN A 115 -4.40 -9.89 -11.78
C GLN A 115 -4.04 -8.44 -11.60
N CYS A 116 -3.43 -8.25 -10.40
CA CYS A 116 -3.00 -6.95 -9.99
C CYS A 116 -1.47 -6.94 -9.65
N LEU A 117 -0.93 -5.72 -9.69
CA LEU A 117 0.49 -5.48 -9.32
C LEU A 117 0.57 -4.81 -7.93
N ILE A 118 1.21 -5.55 -7.03
CA ILE A 118 1.43 -5.13 -5.67
C ILE A 118 2.94 -4.86 -5.51
N SER A 119 3.32 -3.81 -4.82
CA SER A 119 4.71 -3.44 -4.74
C SER A 119 5.05 -2.87 -3.37
N GLY A 120 6.33 -2.91 -3.05
CA GLY A 120 6.84 -2.31 -1.80
C GLY A 120 8.23 -2.79 -1.46
N TRP A 121 8.68 -2.20 -0.34
CA TRP A 121 9.99 -2.46 0.25
C TRP A 121 9.89 -3.33 1.46
N GLY A 122 8.82 -4.08 1.68
CA GLY A 122 8.63 -4.90 2.85
C GLY A 122 9.43 -6.20 2.83
N ASN A 123 9.23 -6.95 3.91
CA ASN A 123 9.95 -8.20 4.18
C ASN A 123 9.73 -9.14 2.98
N THR A 124 10.78 -9.88 2.59
CA THR A 124 10.76 -10.81 1.47
C THR A 124 10.73 -12.24 1.98
N LYS A 125 10.68 -12.48 3.29
CA LYS A 125 10.59 -13.84 3.83
C LYS A 125 9.30 -14.08 4.55
N SER A 126 8.77 -15.30 4.37
CA SER A 126 7.59 -15.74 5.09
C SER A 126 7.89 -16.21 6.50
N SER A 127 9.16 -16.51 6.76
CA SER A 127 9.63 -16.86 8.07
C SER A 127 10.93 -16.11 8.28
N GLY A 128 11.06 -15.38 9.38
CA GLY A 128 12.24 -14.55 9.58
C GLY A 128 12.13 -13.26 8.83
N THR A 129 13.26 -12.60 8.61
CA THR A 129 13.27 -11.27 8.04
C THR A 129 14.41 -11.08 7.06
N SER A 130 14.07 -10.48 5.92
CA SER A 130 15.03 -10.00 4.94
C SER A 130 14.41 -8.84 4.25
N TYR A 131 15.00 -7.68 4.42
CA TYR A 131 14.49 -6.43 3.87
C TYR A 131 15.30 -5.93 2.72
N PRO A 132 14.63 -5.68 1.59
CA PRO A 132 15.35 -5.32 0.39
C PRO A 132 15.74 -3.85 0.37
N ASP A 133 16.79 -3.55 -0.40
CA ASP A 133 17.15 -2.20 -0.74
C ASP A 133 16.28 -1.63 -1.86
N VAL A 134 15.98 -2.44 -2.86
CA VAL A 134 15.23 -2.00 -4.04
C VAL A 134 13.79 -2.44 -4.03
N LEU A 135 12.99 -1.77 -4.86
CA LEU A 135 11.55 -2.03 -4.85
C LEU A 135 11.22 -3.42 -5.40
N LYS A 136 10.32 -4.11 -4.72
CA LYS A 136 9.86 -5.43 -5.16
C LYS A 136 8.40 -5.38 -5.64
N CYS A 137 8.08 -6.30 -6.50
CA CYS A 137 6.81 -6.40 -7.22
C CYS A 137 6.25 -7.81 -7.17
N LEU A 138 4.93 -7.93 -7.22
CA LEU A 138 4.25 -9.22 -7.20
C LEU A 138 3.00 -9.11 -8.02
N LYS A 139 2.78 -10.03 -8.95
CA LYS A 139 1.48 -10.16 -9.60
C LYS A 139 0.61 -11.15 -8.83
N ALA A 140 -0.59 -10.72 -8.47
CA ALA A 140 -1.47 -11.57 -7.67
C ALA A 140 -2.89 -11.32 -8.05
N PRO A 141 -3.73 -12.35 -7.98
CA PRO A 141 -5.15 -12.15 -8.30
C PRO A 141 -6.03 -11.73 -7.14
N ILE A 142 -7.04 -10.93 -7.38
CA ILE A 142 -8.13 -10.69 -6.44
C ILE A 142 -8.85 -12.02 -6.18
N LEU A 143 -9.13 -12.35 -4.95
CA LEU A 143 -9.89 -13.56 -4.59
C LEU A 143 -11.35 -13.25 -4.51
N SER A 144 -12.19 -14.30 -4.59
CA SER A 144 -13.61 -14.13 -4.36
C SER A 144 -13.90 -13.68 -2.96
N ASP A 145 -15.01 -12.97 -2.85
CA ASP A 145 -15.49 -12.55 -1.54
C ASP A 145 -15.72 -13.77 -0.66
N SER A 146 -16.29 -14.84 -1.21
CA SER A 146 -16.54 -15.96 -0.33
C SER A 146 -15.24 -16.67 0.19
N SER A 147 -14.24 -16.77 -0.68
CA SER A 147 -12.96 -17.33 -0.28
C SER A 147 -12.24 -16.44 0.73
N CYS A 148 -12.37 -15.14 0.58
CA CYS A 148 -11.75 -14.17 1.50
C CYS A 148 -12.36 -14.30 2.91
N LYS A 149 -13.70 -14.35 2.94
CA LYS A 149 -14.39 -14.48 4.19
C LYS A 149 -14.12 -15.84 4.86
N SER A 150 -14.02 -16.90 4.06
CA SER A 150 -13.68 -18.22 4.61
C SER A 150 -12.27 -18.23 5.26
N ALA A 151 -11.37 -17.52 4.63
CA ALA A 151 -10.01 -17.46 5.12
C ALA A 151 -9.93 -16.69 6.45
N TYR A 152 -10.78 -15.69 6.64
CA TYR A 152 -10.73 -14.80 7.85
C TYR A 152 -12.14 -14.62 8.39
N PRO A 153 -12.74 -15.70 8.93
CA PRO A 153 -14.14 -15.62 9.35
C PRO A 153 -14.38 -14.47 10.35
N GLY A 154 -15.42 -13.69 10.08
CA GLY A 154 -15.84 -12.62 10.96
C GLY A 154 -15.01 -11.35 10.85
N GLN A 155 -13.98 -11.34 9.99
CA GLN A 155 -13.04 -10.17 9.96
C GLN A 155 -12.99 -9.37 8.70
N ILE A 156 -13.65 -9.83 7.65
CA ILE A 156 -13.63 -9.15 6.36
C ILE A 156 -14.84 -8.29 6.23
N THR A 157 -14.63 -6.97 6.12
CA THR A 157 -15.75 -6.08 5.93
C THR A 157 -15.93 -5.77 4.46
N SER A 158 -17.00 -5.05 4.14
CA SER A 158 -17.27 -4.63 2.76
C SER A 158 -16.22 -3.67 2.17
N ASN A 159 -15.33 -3.17 3.04
CA ASN A 159 -14.25 -2.28 2.66
C ASN A 159 -12.90 -2.96 2.51
N MET A 160 -12.90 -4.28 2.42
CA MET A 160 -11.67 -5.05 2.28
C MET A 160 -11.85 -6.05 1.13
N PHE A 161 -10.75 -6.44 0.53
CA PHE A 161 -10.67 -7.61 -0.32
C PHE A 161 -9.39 -8.38 -0.13
N CYS A 162 -9.41 -9.65 -0.47
CA CYS A 162 -8.24 -10.48 -0.42
C CYS A 162 -7.61 -10.59 -1.78
N ALA A 163 -6.29 -10.71 -1.82
CA ALA A 163 -5.54 -10.98 -3.06
C ALA A 163 -4.37 -11.86 -2.76
N GLY A 164 -3.99 -12.75 -3.66
CA GLY A 164 -2.86 -13.60 -3.43
C GLY A 164 -3.10 -15.05 -3.76
N TYR A 165 -2.47 -15.94 -3.06
CA TYR A 165 -2.28 -17.34 -3.38
C TYR A 165 -2.49 -18.19 -2.16
N LEU A 166 -3.52 -19.00 -2.14
CA LEU A 166 -3.91 -19.75 -0.95
C LEU A 166 -2.91 -20.85 -0.58
N GLU A 167 -2.04 -21.26 -1.49
CA GLU A 167 -1.00 -22.23 -1.17
C GLU A 167 0.16 -21.66 -0.41
N GLY A 168 0.23 -20.35 -0.32
CA GLY A 168 1.31 -19.69 0.32
C GLY A 168 2.46 -19.38 -0.59
N GLY A 169 3.43 -18.66 -0.05
CA GLY A 169 4.64 -18.36 -0.77
C GLY A 169 4.68 -17.03 -1.48
N LYS A 170 3.54 -16.34 -1.73
CA LYS A 170 3.52 -15.11 -2.51
C LYS A 170 2.55 -14.14 -1.87
N ASP A 171 3.06 -13.00 -1.34
CA ASP A 171 2.19 -12.06 -0.58
C ASP A 171 2.93 -10.80 -0.32
N SER A 172 2.20 -9.78 0.13
CA SER A 172 2.79 -8.60 0.76
C SER A 172 3.15 -8.96 2.21
N CYS A 173 3.89 -8.07 2.88
CA CYS A 173 4.37 -8.35 4.21
C CYS A 173 4.69 -7.04 4.93
N GLN A 174 5.23 -7.16 6.17
CA GLN A 174 5.53 -5.95 6.96
C GLN A 174 6.52 -5.04 6.19
N GLY A 175 6.21 -3.75 6.16
CA GLY A 175 6.87 -2.76 5.37
C GLY A 175 6.22 -2.42 4.04
N ASP A 176 5.21 -3.23 3.65
CA ASP A 176 4.43 -2.99 2.42
C ASP A 176 3.19 -2.21 2.66
N SER A 177 2.71 -2.11 3.91
CA SER A 177 1.50 -1.40 4.26
C SER A 177 1.41 -0.03 3.61
N GLY A 178 0.20 0.33 3.19
CA GLY A 178 -0.02 1.59 2.60
C GLY A 178 0.27 1.65 1.11
N GLY A 179 1.01 0.67 0.58
CA GLY A 179 1.37 0.69 -0.81
C GLY A 179 0.24 0.15 -1.73
N PRO A 180 0.55 0.25 -3.01
CA PRO A 180 -0.50 0.06 -4.03
C PRO A 180 -0.75 -1.39 -4.39
N VAL A 181 -2.04 -1.58 -4.75
CA VAL A 181 -2.54 -2.74 -5.51
C VAL A 181 -3.21 -2.14 -6.78
N VAL A 182 -2.55 -2.34 -7.92
CA VAL A 182 -2.99 -1.70 -9.18
C VAL A 182 -3.46 -2.77 -10.14
N CYS A 183 -4.66 -2.53 -10.67
CA CYS A 183 -5.31 -3.52 -11.51
C CYS A 183 -5.81 -2.72 -12.71
N SER A 184 -5.40 -3.11 -13.89
CA SER A 184 -5.96 -2.46 -15.11
C SER A 184 -5.66 -0.97 -15.07
N GLY A 185 -4.50 -0.66 -14.48
CA GLY A 185 -3.98 0.70 -14.44
C GLY A 185 -4.67 1.60 -13.43
N LYS A 186 -5.48 1.05 -12.54
CA LYS A 186 -6.14 1.84 -11.49
C LYS A 186 -5.68 1.32 -10.11
N LEU A 187 -5.76 2.34 -9.17
CA LEU A 187 -5.48 1.93 -7.78
C LEU A 187 -6.71 1.31 -7.16
N GLN A 188 -6.71 -0.01 -7.03
CA GLN A 188 -7.85 -0.73 -6.44
C GLN A 188 -7.66 -1.11 -4.99
N GLY A 189 -6.38 -1.19 -4.54
CA GLY A 189 -6.19 -1.62 -3.13
C GLY A 189 -5.02 -0.89 -2.48
N ILE A 190 -5.05 -0.97 -1.17
CA ILE A 190 -3.97 -0.49 -0.29
C ILE A 190 -3.56 -1.67 0.61
N VAL A 191 -2.25 -1.96 0.65
CA VAL A 191 -1.79 -3.03 1.53
C VAL A 191 -2.19 -2.73 2.98
N SER A 192 -2.84 -3.67 3.64
CA SER A 192 -3.40 -3.46 4.98
C SER A 192 -2.94 -4.48 5.98
N TRP A 193 -3.36 -5.75 5.88
CA TRP A 193 -3.10 -6.73 6.89
C TRP A 193 -3.12 -8.14 6.39
N GLY A 194 -2.75 -9.09 7.24
CA GLY A 194 -2.93 -10.52 6.99
C GLY A 194 -2.49 -11.26 8.21
N SER A 195 -2.67 -12.56 8.27
CA SER A 195 -2.13 -13.38 9.34
C SER A 195 -0.81 -13.91 8.91
N GLY A 196 0.37 -13.47 9.51
CA GLY A 196 1.64 -13.76 9.00
C GLY A 196 1.79 -13.16 7.59
N CYS A 197 2.70 -13.72 6.83
CA CYS A 197 2.95 -13.38 5.45
C CYS A 197 3.12 -14.62 4.66
N ALA A 198 2.41 -14.71 3.53
CA ALA A 198 2.66 -15.79 2.54
C ALA A 198 2.39 -17.18 3.16
N GLN A 199 1.49 -17.25 4.14
CA GLN A 199 1.09 -18.49 4.78
C GLN A 199 -0.08 -19.09 4.01
N LYS A 200 -0.10 -20.39 4.05
CA LYS A 200 -1.19 -21.17 3.46
C LYS A 200 -2.53 -20.74 4.01
N ASN A 201 -3.50 -20.50 3.12
CA ASN A 201 -4.85 -20.16 3.52
C ASN A 201 -4.99 -18.83 4.25
N LYS A 202 -3.99 -17.99 4.12
CA LYS A 202 -3.96 -16.68 4.78
C LYS A 202 -3.52 -15.63 3.79
N PRO A 203 -4.38 -15.27 2.87
CA PRO A 203 -4.03 -14.30 1.83
C PRO A 203 -3.89 -12.86 2.36
N GLY A 204 -3.29 -12.00 1.57
CA GLY A 204 -3.25 -10.59 1.95
C GLY A 204 -4.63 -9.97 1.93
N VAL A 205 -4.85 -8.99 2.82
CA VAL A 205 -6.07 -8.27 2.93
C VAL A 205 -5.78 -6.77 2.63
N TYR A 206 -6.59 -6.16 1.78
CA TYR A 206 -6.35 -4.88 1.17
C TYR A 206 -7.58 -3.97 1.32
N THR A 207 -7.35 -2.69 1.52
CA THR A 207 -8.42 -1.75 1.58
C THR A 207 -8.99 -1.56 0.17
N LYS A 208 -10.33 -1.61 0.13
CA LYS A 208 -11.03 -1.56 -1.19
C LYS A 208 -11.22 -0.08 -1.64
N VAL A 209 -10.25 0.41 -2.41
CA VAL A 209 -10.21 1.82 -2.79
C VAL A 209 -11.44 2.30 -3.55
N CYS A 210 -12.09 1.41 -4.31
CA CYS A 210 -13.27 1.88 -5.08
C CYS A 210 -14.42 2.40 -4.22
N ASN A 211 -14.47 2.06 -2.92
CA ASN A 211 -15.51 2.50 -2.04
C ASN A 211 -15.30 3.92 -1.57
N TYR A 212 -14.10 4.43 -1.82
CA TYR A 212 -13.68 5.72 -1.25
C TYR A 212 -13.41 6.83 -2.26
N VAL A 213 -13.71 6.62 -3.51
CA VAL A 213 -13.33 7.58 -4.56
C VAL A 213 -14.03 8.95 -4.31
N SER A 214 -15.31 8.95 -3.96
CA SER A 214 -16.03 10.22 -3.69
C SER A 214 -15.44 10.94 -2.47
N TRP A 215 -15.16 10.17 -1.41
CA TRP A 215 -14.50 10.71 -0.25
C TRP A 215 -13.11 11.29 -0.55
N ILE A 216 -12.33 10.58 -1.35
CA ILE A 216 -11.03 11.10 -1.73
C ILE A 216 -11.10 12.44 -2.47
N LYS A 217 -11.94 12.50 -3.51
CA LYS A 217 -12.10 13.73 -4.29
C LYS A 217 -12.65 14.86 -3.45
N GLN A 218 -13.61 14.57 -2.59
CA GLN A 218 -14.18 15.60 -1.71
C GLN A 218 -13.11 16.11 -0.72
N THR A 219 -12.29 15.19 -0.20
CA THR A 219 -11.26 15.57 0.81
C THR A 219 -10.17 16.42 0.16
N ILE A 220 -9.77 16.03 -1.03
CA ILE A 220 -8.79 16.80 -1.80
C ILE A 220 -9.32 18.23 -2.11
N ALA A 221 -10.60 18.31 -2.49
CA ALA A 221 -11.21 19.59 -2.87
C ALA A 221 -11.28 20.55 -1.69
N SER A 222 -11.38 20.01 -0.49
CA SER A 222 -11.63 20.85 0.66
C SER A 222 -10.44 21.03 1.60
N ASN A 223 -9.29 20.51 1.21
CA ASN A 223 -8.06 20.62 2.00
C ASN A 223 -6.87 20.99 1.18
C ACE B 1 -4.99 -11.81 12.24
O ACE B 1 -4.33 -11.84 11.23
CH3 ACE B 1 -5.37 -13.13 12.88
N ILE B 2 -5.36 -10.68 12.81
CA ILE B 2 -5.07 -9.38 12.19
C ILE B 2 -3.70 -8.88 12.54
N SER B 3 -2.79 -8.89 11.57
CA SER B 3 -1.49 -8.32 11.76
C SER B 3 -1.23 -7.28 10.65
N THR B 4 -1.20 -6.01 11.03
CA THR B 4 -0.95 -4.97 10.07
C THR B 4 0.46 -5.08 9.51
N ARG B 5 0.69 -4.48 8.36
CA ARG B 5 1.89 -4.66 7.55
C ARG B 5 2.82 -3.42 7.49
N LYS B 6 2.83 -2.66 8.59
CA LYS B 6 3.84 -1.59 8.75
C LYS B 6 5.17 -2.18 9.19
N TYR B 7 6.25 -1.52 8.88
CA TYR B 7 7.60 -1.93 9.28
C TYR B 7 8.01 -1.20 10.59
N PRO B 8 8.64 -1.91 11.55
CA PRO B 8 8.94 -3.33 11.50
C PRO B 8 7.73 -4.21 11.78
N SER B 9 6.76 -3.66 12.47
CA SER B 9 5.48 -4.25 12.75
C SER B 9 4.52 -3.20 13.24
N ASP B 10 3.24 -3.47 13.37
CA ASP B 10 2.29 -2.49 13.89
C ASP B 10 2.56 -2.29 15.40
N TRP B 11 2.74 -3.37 16.13
CA TRP B 11 2.93 -3.31 17.59
C TRP B 11 4.29 -2.68 17.94
N GLU B 12 5.29 -2.81 17.11
CA GLU B 12 6.66 -2.39 17.46
C GLU B 12 6.90 -0.91 17.54
N GLU B 13 5.93 -0.12 17.02
CA GLU B 13 6.06 1.32 17.03
C GLU B 13 5.35 1.85 18.31
CA CA C . 17.36 6.17 -3.27
#